data_6GD2
#
_entry.id   6GD2
#
_cell.length_a   34.120
_cell.length_b   80.480
_cell.length_c   54.440
_cell.angle_alpha   90.00
_cell.angle_beta   90.69
_cell.angle_gamma   90.00
#
_symmetry.space_group_name_H-M   'P 1 21 1'
#
loop_
_entity.id
_entity.type
_entity.pdbx_description
1 polymer 'ELAV-like protein 1'
2 polymer "RNA (5'-R(P*UP*UP*UP*AP*UP*UP*U)-3')"
3 water water
#
loop_
_entity_poly.entity_id
_entity_poly.type
_entity_poly.pdbx_seq_one_letter_code
_entity_poly.pdbx_strand_id
1 'polypeptide(L)'
;GAMGWCIFIYNLGQDADEGILWQMFGPFGAVTNVKVIRDFNTNKCKGFGFVTMTNYEEAAMAIASLNGYRLGDKILQVSF
KTNKSHK
;
A,B,C
2 'polyribonucleotide' AUUUUUAUUUUAUUU D
#
loop_
_chem_comp.id
_chem_comp.type
_chem_comp.name
_chem_comp.formula
A RNA linking ADENOSINE-5'-MONOPHOSPHATE 'C10 H14 N5 O7 P'
U RNA linking URIDINE-5'-MONOPHOSPHATE 'C9 H13 N2 O9 P'
#
# COMPACT_ATOMS: atom_id res chain seq x y z
N GLY A 1 14.77 17.75 -2.21
CA GLY A 1 15.71 18.68 -1.47
C GLY A 1 16.22 18.04 -0.19
N ALA A 2 16.50 18.90 0.79
CA ALA A 2 17.12 18.53 2.07
C ALA A 2 16.20 17.75 3.00
N MET A 3 14.91 18.03 2.92
CA MET A 3 13.93 17.31 3.70
C MET A 3 13.65 15.91 3.14
N GLY A 4 13.98 15.64 1.88
CA GLY A 4 13.47 14.43 1.27
C GLY A 4 11.97 14.52 0.99
N TRP A 5 11.35 13.38 0.70
CA TRP A 5 9.92 13.28 0.38
C TRP A 5 9.23 12.30 1.33
N CYS A 6 8.12 12.74 1.92
CA CYS A 6 7.48 11.98 2.96
C CYS A 6 6.32 11.15 2.35
N ILE A 7 6.33 9.85 2.63
CA ILE A 7 5.31 8.91 2.04
C ILE A 7 4.38 8.46 3.19
N PHE A 8 3.07 8.37 2.93
CA PHE A 8 2.09 7.96 3.94
C PHE A 8 1.58 6.56 3.60
N ILE A 9 1.57 5.66 4.56
CA ILE A 9 1.17 4.26 4.32
C ILE A 9 0.02 3.97 5.23
N TYR A 10 -1.10 3.56 4.60
CA TYR A 10 -2.30 3.18 5.35
C TYR A 10 -2.62 1.70 5.21
N ASN A 11 -3.11 1.07 6.27
CA ASN A 11 -3.62 -0.33 6.27
C ASN A 11 -2.54 -1.34 6.72
N LEU A 12 -1.58 -0.81 7.48
CA LEU A 12 -0.69 -1.63 8.25
C LEU A 12 -1.47 -2.36 9.37
N GLY A 13 -0.97 -3.55 9.74
CA GLY A 13 -1.56 -4.33 10.81
C GLY A 13 -1.19 -3.86 12.20
N GLN A 14 -1.86 -4.44 13.17
CA GLN A 14 -1.71 -4.02 14.54
C GLN A 14 -0.33 -4.33 15.11
N ASP A 15 0.33 -5.34 14.54
CA ASP A 15 1.69 -5.72 14.92
C ASP A 15 2.76 -5.24 13.97
N ALA A 16 2.43 -4.34 13.08
CA ALA A 16 3.46 -3.83 12.19
C ALA A 16 4.50 -3.00 12.97
N ASP A 17 5.73 -3.00 12.51
CA ASP A 17 6.78 -2.22 13.15
C ASP A 17 7.69 -1.62 12.10
N GLU A 18 8.67 -0.87 12.55
CA GLU A 18 9.51 -0.11 11.64
C GLU A 18 10.22 -0.98 10.65
N GLY A 19 10.62 -2.16 11.10
CA GLY A 19 11.23 -3.17 10.25
C GLY A 19 10.43 -3.52 9.04
N ILE A 20 9.11 -3.54 9.13
CA ILE A 20 8.30 -3.87 7.99
C ILE A 20 8.38 -2.74 6.96
N LEU A 21 8.40 -1.49 7.42
CA LEU A 21 8.56 -0.34 6.52
C LEU A 21 9.92 -0.28 5.81
N TRP A 22 11.01 -0.45 6.57
CA TRP A 22 12.37 -0.50 5.97
C TRP A 22 12.47 -1.55 4.90
N GLN A 23 11.96 -2.74 5.22
CA GLN A 23 12.01 -3.88 4.31
C GLN A 23 11.25 -3.64 3.02
N MET A 24 10.07 -3.02 3.12
CA MET A 24 9.25 -2.70 1.96
C MET A 24 9.82 -1.59 1.07
N PHE A 25 10.31 -0.51 1.71
CA PHE A 25 10.77 0.70 0.98
C PHE A 25 12.24 0.69 0.60
N GLY A 26 13.06 0.07 1.46
CA GLY A 26 14.53 -0.01 1.25
C GLY A 26 14.92 -0.35 -0.18
N PRO A 27 14.26 -1.34 -0.80
CA PRO A 27 14.66 -1.74 -2.14
C PRO A 27 14.56 -0.71 -3.19
N PHE A 28 13.71 0.32 -3.04
CA PHE A 28 13.48 1.29 -4.13
C PHE A 28 14.48 2.42 -4.12
N GLY A 29 15.23 2.57 -3.05
CA GLY A 29 16.27 3.60 -3.00
C GLY A 29 16.49 4.08 -1.57
N ALA A 30 17.17 5.22 -1.44
CA ALA A 30 17.53 5.75 -0.15
C ALA A 30 16.35 6.12 0.71
N VAL A 31 16.38 5.60 1.92
CA VAL A 31 15.41 5.79 2.94
C VAL A 31 16.17 6.35 4.11
N THR A 32 15.68 7.44 4.61
CA THR A 32 16.38 8.19 5.63
C THR A 32 15.63 8.10 7.00
N ASN A 33 14.35 7.72 7.00
CA ASN A 33 13.59 7.64 8.22
C ASN A 33 12.35 6.80 7.97
N VAL A 34 11.95 6.09 9.02
CA VAL A 34 10.63 5.46 9.07
C VAL A 34 9.95 5.63 10.44
N LYS A 35 8.65 5.61 10.45
CA LYS A 35 7.87 5.68 11.70
C LYS A 35 6.53 4.99 11.57
N VAL A 36 6.19 4.18 12.57
CA VAL A 36 4.87 3.52 12.67
C VAL A 36 4.10 4.33 13.71
N ILE A 37 2.87 4.72 13.41
CA ILE A 37 2.07 5.41 14.42
C ILE A 37 1.32 4.36 15.28
N ARG A 38 1.52 4.50 16.60
CA ARG A 38 0.97 3.61 17.61
C ARG A 38 -0.05 4.29 18.53
N ASP A 39 -1.03 3.46 18.92
CA ASP A 39 -2.16 3.81 19.79
C ASP A 39 -1.65 4.13 21.19
N PHE A 40 -2.01 5.27 21.74
CA PHE A 40 -1.54 5.64 23.10
C PHE A 40 -1.78 4.56 24.19
N ASN A 41 -2.98 4.01 24.21
CA ASN A 41 -3.33 3.09 25.30
C ASN A 41 -2.85 1.66 25.01
N THR A 42 -3.06 1.16 23.79
CA THR A 42 -2.74 -0.24 23.46
C THR A 42 -1.27 -0.51 23.07
N ASN A 43 -0.50 0.52 22.65
CA ASN A 43 0.85 0.36 22.01
C ASN A 43 0.88 -0.41 20.70
N LYS A 44 -0.29 -0.74 20.17
CA LYS A 44 -0.43 -1.40 18.90
C LYS A 44 -0.35 -0.33 17.82
N CYS A 45 -0.06 -0.74 16.59
CA CYS A 45 -0.01 0.17 15.45
C CYS A 45 -1.44 0.57 15.14
N LYS A 46 -1.67 1.88 15.01
CA LYS A 46 -2.98 2.43 14.71
C LYS A 46 -3.38 2.15 13.28
N GLY A 47 -2.46 1.58 12.50
CA GLY A 47 -2.77 1.18 11.12
C GLY A 47 -2.10 2.02 10.05
N PHE A 48 -1.27 2.99 10.45
CA PHE A 48 -0.55 3.79 9.47
C PHE A 48 0.84 4.23 9.94
N GLY A 49 1.64 4.62 8.93
CA GLY A 49 3.01 5.04 9.17
C GLY A 49 3.53 5.97 8.08
N PHE A 50 4.81 6.33 8.25
CA PHE A 50 5.51 7.28 7.38
C PHE A 50 6.93 6.80 7.04
N VAL A 51 7.36 7.08 5.81
CA VAL A 51 8.71 6.77 5.35
C VAL A 51 9.24 8.01 4.62
N THR A 52 10.47 8.39 4.90
CA THR A 52 11.08 9.50 4.15
C THR A 52 12.12 8.89 3.19
N MET A 53 11.98 9.21 1.92
CA MET A 53 12.90 8.83 0.85
C MET A 53 13.52 10.09 0.22
N THR A 54 14.82 10.03 -0.06
CA THR A 54 15.58 11.19 -0.56
C THR A 54 15.23 11.63 -1.95
N ASN A 55 14.95 10.69 -2.86
CA ASN A 55 14.87 11.00 -4.26
C ASN A 55 13.47 10.75 -4.78
N TYR A 56 12.87 11.83 -5.33
CA TYR A 56 11.52 11.78 -5.84
C TYR A 56 11.21 10.58 -6.74
N GLU A 57 12.07 10.31 -7.70
CA GLU A 57 11.79 9.23 -8.69
CA GLU A 57 11.77 9.24 -8.69
C GLU A 57 11.80 7.83 -8.06
N GLU A 58 12.65 7.65 -7.05
CA GLU A 58 12.64 6.42 -6.24
C GLU A 58 11.38 6.29 -5.35
N ALA A 59 11.02 7.41 -4.70
CA ALA A 59 9.72 7.51 -3.96
C ALA A 59 8.55 7.18 -4.89
N ALA A 60 8.53 7.76 -6.08
CA ALA A 60 7.45 7.49 -7.04
C ALA A 60 7.35 6.01 -7.44
N MET A 61 8.51 5.36 -7.63
CA MET A 61 8.60 3.92 -7.91
CA MET A 61 8.55 3.92 -7.95
C MET A 61 8.08 3.08 -6.76
N ALA A 62 8.48 3.44 -5.55
CA ALA A 62 7.96 2.74 -4.35
C ALA A 62 6.42 2.75 -4.28
N ILE A 63 5.85 3.94 -4.48
CA ILE A 63 4.40 4.16 -4.42
C ILE A 63 3.69 3.40 -5.51
N ALA A 64 4.22 3.43 -6.73
CA ALA A 64 3.67 2.62 -7.82
C ALA A 64 3.63 1.11 -7.53
N SER A 65 4.68 0.55 -6.92
CA SER A 65 4.69 -0.86 -6.60
C SER A 65 3.87 -1.17 -5.35
N LEU A 66 3.96 -0.34 -4.29
CA LEU A 66 3.34 -0.66 -2.96
C LEU A 66 1.86 -0.24 -2.71
N ASN A 67 1.36 0.73 -3.46
CA ASN A 67 -0.06 1.18 -3.36
C ASN A 67 -0.88 0.00 -3.97
N GLY A 68 -1.70 -0.64 -3.17
CA GLY A 68 -2.46 -1.75 -3.64
C GLY A 68 -1.84 -3.08 -3.30
N TYR A 69 -0.68 -3.07 -2.62
CA TYR A 69 0.02 -4.27 -2.24
C TYR A 69 -0.74 -4.89 -1.11
N ARG A 70 -0.88 -6.21 -1.15
CA ARG A 70 -1.53 -6.95 -0.08
C ARG A 70 -0.46 -7.37 0.96
N LEU A 71 -0.56 -6.84 2.18
CA LEU A 71 0.36 -7.15 3.27
C LEU A 71 -0.48 -7.80 4.36
N GLY A 72 -0.18 -9.05 4.71
CA GLY A 72 -1.16 -9.85 5.47
C GLY A 72 -2.42 -9.96 4.64
N ASP A 73 -3.57 -9.66 5.24
CA ASP A 73 -4.85 -9.69 4.51
C ASP A 73 -5.41 -8.30 4.14
N LYS A 74 -4.58 -7.26 4.12
CA LYS A 74 -5.05 -5.88 3.88
C LYS A 74 -4.34 -5.23 2.68
N ILE A 75 -5.13 -4.51 1.89
CA ILE A 75 -4.64 -3.83 0.70
C ILE A 75 -4.10 -2.45 1.19
N LEU A 76 -2.79 -2.28 1.19
CA LEU A 76 -2.14 -0.98 1.53
C LEU A 76 -2.54 0.18 0.60
N GLN A 77 -2.65 1.37 1.20
CA GLN A 77 -2.72 2.61 0.45
C GLN A 77 -1.41 3.41 0.71
N VAL A 78 -0.72 3.83 -0.32
CA VAL A 78 0.54 4.58 -0.15
C VAL A 78 0.55 5.66 -1.18
N SER A 79 1.02 6.82 -0.75
CA SER A 79 0.92 8.06 -1.45
C SER A 79 1.87 9.04 -0.73
N PHE A 80 2.17 10.12 -1.39
CA PHE A 80 2.92 11.19 -0.74
C PHE A 80 2.09 11.84 0.35
N LYS A 81 2.70 12.11 1.50
CA LYS A 81 1.99 12.68 2.61
C LYS A 81 1.35 14.04 2.32
N THR A 82 0.09 14.23 2.69
CA THR A 82 -0.64 15.52 2.59
C THR A 82 -0.63 16.25 3.98
N ASN A 83 -1.00 17.53 4.01
CA ASN A 83 -1.20 18.24 5.29
C ASN A 83 -2.69 18.23 5.56
N LYS A 84 -3.19 17.80 6.74
CA LYS A 84 -2.53 17.66 8.08
C LYS A 84 -1.04 17.25 8.21
N MET B 3 -17.54 8.70 27.99
CA MET B 3 -17.95 7.61 27.05
C MET B 3 -19.48 7.58 26.89
N GLY B 4 -20.05 6.40 26.65
CA GLY B 4 -21.48 6.22 26.51
C GLY B 4 -21.74 4.95 25.72
N TRP B 5 -22.96 4.85 25.24
CA TRP B 5 -23.44 3.63 24.59
C TRP B 5 -23.41 3.86 23.15
N CYS B 6 -22.75 2.98 22.44
CA CYS B 6 -22.60 3.11 21.01
CA CYS B 6 -22.60 3.11 20.99
C CYS B 6 -23.74 2.39 20.27
N ILE B 7 -24.36 3.10 19.35
CA ILE B 7 -25.52 2.64 18.60
C ILE B 7 -25.10 2.54 17.14
N PHE B 8 -25.38 1.39 16.53
CA PHE B 8 -25.12 1.14 15.12
C PHE B 8 -26.36 1.38 14.26
N ILE B 9 -26.21 2.10 13.13
CA ILE B 9 -27.35 2.38 12.24
C ILE B 9 -26.94 1.94 10.85
N TYR B 10 -27.66 0.95 10.31
CA TYR B 10 -27.47 0.42 8.95
C TYR B 10 -28.62 0.75 7.98
N ASN B 11 -28.22 0.90 6.71
CA ASN B 11 -29.06 1.18 5.55
C ASN B 11 -29.29 2.65 5.34
N LEU B 12 -28.37 3.46 5.81
CA LEU B 12 -28.25 4.82 5.41
C LEU B 12 -27.98 4.90 3.88
N GLY B 13 -28.55 5.92 3.24
CA GLY B 13 -28.30 6.17 1.86
C GLY B 13 -27.05 6.98 1.65
N GLN B 14 -26.68 7.09 0.38
CA GLN B 14 -25.43 7.67 -0.07
C GLN B 14 -25.20 9.11 0.40
N ASP B 15 -26.28 9.89 0.45
CA ASP B 15 -26.24 11.33 0.80
C ASP B 15 -26.46 11.65 2.29
N ALA B 16 -26.62 10.59 3.10
CA ALA B 16 -26.78 10.74 4.54
C ALA B 16 -25.60 11.47 5.18
N ASP B 17 -25.93 12.34 6.16
CA ASP B 17 -24.90 13.04 6.91
C ASP B 17 -25.22 13.09 8.40
N GLU B 18 -24.32 13.68 9.18
CA GLU B 18 -24.43 13.70 10.62
C GLU B 18 -25.72 14.41 11.11
N GLY B 19 -26.10 15.47 10.40
CA GLY B 19 -27.35 16.21 10.66
C GLY B 19 -28.59 15.35 10.78
N ILE B 20 -28.77 14.46 9.80
CA ILE B 20 -29.89 13.49 9.88
C ILE B 20 -29.80 12.60 11.11
N LEU B 21 -28.60 12.13 11.48
CA LEU B 21 -28.48 11.32 12.72
C LEU B 21 -28.80 12.17 13.95
N TRP B 22 -28.18 13.35 14.09
CA TRP B 22 -28.54 14.22 15.21
C TRP B 22 -30.05 14.48 15.34
N GLN B 23 -30.75 14.73 14.23
CA GLN B 23 -32.19 15.02 14.27
CA GLN B 23 -32.20 15.07 14.32
C GLN B 23 -33.05 13.85 14.74
N MET B 24 -32.60 12.62 14.44
CA MET B 24 -33.33 11.38 14.81
C MET B 24 -33.15 11.03 16.28
N PHE B 25 -31.89 11.15 16.77
CA PHE B 25 -31.50 10.62 18.06
C PHE B 25 -31.50 11.65 19.14
N GLY B 26 -31.18 12.89 18.79
CA GLY B 26 -31.33 14.02 19.74
C GLY B 26 -32.56 14.06 20.65
N PRO B 27 -33.78 13.82 20.08
CA PRO B 27 -35.01 13.84 20.92
C PRO B 27 -35.08 12.81 22.06
N PHE B 28 -34.25 11.75 22.01
CA PHE B 28 -34.32 10.65 22.97
C PHE B 28 -33.48 10.85 24.15
N GLY B 29 -32.55 11.83 24.10
CA GLY B 29 -31.66 12.03 25.24
C GLY B 29 -30.30 12.51 24.83
N ALA B 30 -29.38 12.52 25.79
CA ALA B 30 -28.08 13.10 25.58
C ALA B 30 -27.29 12.31 24.55
N VAL B 31 -26.84 13.00 23.49
CA VAL B 31 -26.01 12.46 22.46
C VAL B 31 -24.66 13.24 22.47
N THR B 32 -23.54 12.49 22.50
CA THR B 32 -22.19 13.12 22.57
C THR B 32 -21.33 12.94 21.31
N ASN B 33 -21.75 12.08 20.39
CA ASN B 33 -21.05 11.95 19.12
C ASN B 33 -21.96 11.36 18.08
N VAL B 34 -21.86 11.82 16.84
CA VAL B 34 -22.46 11.13 15.74
C VAL B 34 -21.44 11.01 14.61
N LYS B 35 -21.45 9.89 13.89
CA LYS B 35 -20.61 9.80 12.68
C LYS B 35 -21.21 8.93 11.60
N VAL B 36 -21.14 9.44 10.37
CA VAL B 36 -21.56 8.70 9.21
C VAL B 36 -20.29 8.13 8.58
N ILE B 37 -20.32 6.85 8.20
CA ILE B 37 -19.11 6.26 7.64
C ILE B 37 -19.15 6.44 6.14
N ARG B 38 -18.07 7.01 5.60
CA ARG B 38 -17.90 7.32 4.17
C ARG B 38 -16.80 6.53 3.48
N ASP B 39 -17.00 6.26 2.18
CA ASP B 39 -15.92 5.67 1.40
C ASP B 39 -14.78 6.70 1.33
N PHE B 40 -13.61 6.23 1.68
CA PHE B 40 -12.43 7.09 1.73
C PHE B 40 -12.20 7.82 0.40
N ASN B 41 -12.39 7.08 -0.70
CA ASN B 41 -12.19 7.64 -2.03
C ASN B 41 -13.35 8.58 -2.33
N THR B 42 -14.53 8.02 -2.60
CA THR B 42 -15.70 8.77 -3.08
C THR B 42 -16.26 9.75 -2.06
N ASN B 43 -16.00 9.53 -0.79
CA ASN B 43 -16.61 10.33 0.31
C ASN B 43 -18.13 10.15 0.43
N LYS B 44 -18.69 9.17 -0.26
CA LYS B 44 -20.12 8.87 -0.12
C LYS B 44 -20.36 7.95 1.11
N CYS B 45 -21.45 8.19 1.85
CA CYS B 45 -21.79 7.29 2.97
C CYS B 45 -21.80 5.84 2.47
N LYS B 46 -21.07 4.97 3.16
CA LYS B 46 -21.06 3.54 2.83
C LYS B 46 -22.31 2.79 3.29
N GLY B 47 -23.21 3.46 4.00
CA GLY B 47 -24.48 2.85 4.36
C GLY B 47 -24.68 2.62 5.85
N PHE B 48 -23.75 3.09 6.67
CA PHE B 48 -23.90 2.96 8.10
C PHE B 48 -23.22 4.11 8.85
N GLY B 49 -23.56 4.23 10.12
CA GLY B 49 -23.07 5.24 11.00
C GLY B 49 -23.31 4.81 12.43
N PHE B 50 -22.91 5.72 13.31
CA PHE B 50 -22.89 5.51 14.72
C PHE B 50 -23.34 6.76 15.45
N VAL B 51 -24.00 6.55 16.59
CA VAL B 51 -24.36 7.56 17.56
C VAL B 51 -23.94 7.01 18.94
N THR B 52 -23.41 7.92 19.75
CA THR B 52 -23.10 7.65 21.12
C THR B 52 -24.06 8.44 22.00
N MET B 53 -24.81 7.72 22.80
CA MET B 53 -25.72 8.30 23.80
C MET B 53 -25.20 7.95 25.21
N THR B 54 -25.33 8.90 26.10
CA THR B 54 -24.76 8.82 27.46
C THR B 54 -25.52 7.81 28.37
N ASN B 55 -26.83 7.79 28.28
CA ASN B 55 -27.62 7.05 29.23
C ASN B 55 -28.17 5.74 28.62
N TYR B 56 -27.87 4.62 29.26
CA TYR B 56 -28.24 3.25 28.80
C TYR B 56 -29.73 3.14 28.41
N GLU B 57 -30.61 3.59 29.29
CA GLU B 57 -32.07 3.49 29.10
C GLU B 57 -32.62 4.39 27.95
N GLU B 58 -32.00 5.52 27.77
CA GLU B 58 -32.30 6.43 26.66
C GLU B 58 -31.82 5.88 25.34
N ALA B 59 -30.62 5.30 25.30
CA ALA B 59 -30.15 4.54 24.13
C ALA B 59 -31.11 3.40 23.77
N ALA B 60 -31.58 2.65 24.78
CA ALA B 60 -32.51 1.56 24.59
C ALA B 60 -33.77 2.06 23.94
N MET B 61 -34.29 3.18 24.43
CA MET B 61 -35.51 3.77 23.92
C MET B 61 -35.38 4.25 22.46
N ALA B 62 -34.26 4.93 22.16
CA ALA B 62 -33.96 5.29 20.79
C ALA B 62 -33.92 4.05 19.89
N ILE B 63 -33.21 3.01 20.32
CA ILE B 63 -33.08 1.81 19.50
C ILE B 63 -34.46 1.17 19.19
N ALA B 64 -35.28 1.03 20.23
CA ALA B 64 -36.58 0.32 20.15
C ALA B 64 -37.56 1.14 19.33
N SER B 65 -37.38 2.44 19.40
CA SER B 65 -38.24 3.41 18.67
C SER B 65 -37.81 3.59 17.25
N LEU B 66 -36.49 3.63 16.97
CA LEU B 66 -36.02 3.97 15.62
C LEU B 66 -35.75 2.77 14.72
N ASN B 67 -35.60 1.60 15.27
CA ASN B 67 -35.33 0.42 14.43
C ASN B 67 -36.52 0.23 13.51
N GLY B 68 -36.30 0.07 12.22
CA GLY B 68 -37.42 -0.04 11.28
C GLY B 68 -37.92 1.29 10.72
N TYR B 69 -37.32 2.40 11.18
CA TYR B 69 -37.68 3.78 10.73
C TYR B 69 -37.39 3.89 9.25
N ARG B 70 -38.29 4.54 8.53
CA ARG B 70 -38.09 4.64 7.09
C ARG B 70 -37.41 5.98 6.75
N LEU B 71 -36.19 5.89 6.21
CA LEU B 71 -35.40 7.07 5.86
C LEU B 71 -35.31 7.08 4.32
N GLY B 72 -36.06 8.00 3.71
CA GLY B 72 -36.17 8.05 2.25
C GLY B 72 -36.83 6.79 1.74
N ASP B 73 -36.09 6.06 0.88
CA ASP B 73 -36.57 4.82 0.29
CA ASP B 73 -36.57 4.82 0.29
C ASP B 73 -36.21 3.60 1.14
N LYS B 74 -35.40 3.82 2.18
CA LYS B 74 -34.78 2.74 2.99
C LYS B 74 -35.30 2.47 4.42
N ILE B 75 -35.41 1.20 4.79
CA ILE B 75 -35.76 0.79 6.14
C ILE B 75 -34.46 0.68 6.93
N LEU B 76 -34.35 1.49 8.00
CA LEU B 76 -33.17 1.44 8.88
C LEU B 76 -33.17 0.26 9.84
N GLN B 77 -31.97 -0.22 10.12
CA GLN B 77 -31.65 -1.23 11.13
CA GLN B 77 -31.70 -1.18 11.19
C GLN B 77 -30.82 -0.52 12.24
N VAL B 78 -31.36 -0.39 13.44
CA VAL B 78 -30.65 0.21 14.54
C VAL B 78 -30.54 -0.75 15.70
N SER B 79 -29.34 -0.79 16.29
CA SER B 79 -29.00 -1.71 17.33
C SER B 79 -27.85 -1.23 18.19
N PHE B 80 -27.69 -1.82 19.37
CA PHE B 80 -26.46 -1.61 20.08
C PHE B 80 -25.30 -2.16 19.24
N LYS B 81 -24.22 -1.34 19.13
CA LYS B 81 -23.01 -1.75 18.40
C LYS B 81 -22.44 -3.05 18.97
N THR B 82 -22.02 -3.93 18.07
CA THR B 82 -21.33 -5.16 18.48
C THR B 82 -19.82 -4.97 18.41
N ASN B 83 -19.07 -5.80 19.12
CA ASN B 83 -17.61 -5.91 18.93
C ASN B 83 -17.29 -6.49 17.54
N MET C 3 14.18 5.69 -22.28
CA MET C 3 15.36 5.01 -21.61
C MET C 3 15.54 3.49 -21.92
N GLY C 4 14.50 2.74 -22.32
CA GLY C 4 14.54 1.26 -22.34
C GLY C 4 14.43 0.64 -20.91
N TRP C 5 14.59 -0.69 -20.78
CA TRP C 5 14.35 -1.44 -19.52
C TRP C 5 15.63 -2.11 -19.08
N CYS C 6 16.05 -1.83 -17.84
CA CYS C 6 17.30 -2.37 -17.32
C CYS C 6 17.07 -3.80 -16.78
N ILE C 7 17.95 -4.71 -17.21
CA ILE C 7 17.97 -6.10 -16.75
C ILE C 7 19.25 -6.32 -15.98
N PHE C 8 19.12 -6.96 -14.80
N PHE C 8 19.13 -6.94 -14.81
CA PHE C 8 20.25 -7.31 -13.91
CA PHE C 8 20.27 -7.29 -13.98
C PHE C 8 20.52 -8.82 -14.01
C PHE C 8 20.52 -8.81 -14.07
N ILE C 9 21.79 -9.19 -14.17
CA ILE C 9 22.22 -10.60 -14.15
C ILE C 9 23.23 -10.78 -13.04
N TYR C 10 23.07 -11.86 -12.29
CA TYR C 10 23.99 -12.20 -11.19
C TYR C 10 24.46 -13.63 -11.38
N ASN C 11 25.62 -13.92 -10.79
CA ASN C 11 26.27 -15.22 -10.78
C ASN C 11 26.93 -15.56 -12.08
N LEU C 12 27.25 -14.56 -12.91
CA LEU C 12 28.12 -14.79 -14.06
C LEU C 12 29.47 -15.33 -13.57
N GLY C 13 30.04 -16.27 -14.28
CA GLY C 13 31.41 -16.70 -13.94
C GLY C 13 32.46 -15.65 -14.26
N GLN C 14 33.70 -16.00 -13.96
CA GLN C 14 34.82 -15.05 -14.07
C GLN C 14 35.19 -14.77 -15.50
N ASP C 15 34.87 -15.68 -16.45
CA ASP C 15 35.11 -15.44 -17.90
C ASP C 15 34.01 -14.77 -18.66
N ALA C 16 32.88 -14.48 -18.00
CA ALA C 16 31.79 -13.75 -18.73
C ALA C 16 32.23 -12.36 -19.14
N ASP C 17 31.75 -11.91 -20.28
CA ASP C 17 32.11 -10.60 -20.84
C ASP C 17 30.88 -10.01 -21.56
N GLU C 18 31.11 -8.88 -22.22
CA GLU C 18 30.04 -8.16 -22.84
C GLU C 18 29.46 -9.06 -23.98
N GLY C 19 30.33 -9.75 -24.72
CA GLY C 19 29.89 -10.66 -25.82
C GLY C 19 28.92 -11.70 -25.39
N ILE C 20 29.11 -12.25 -24.18
CA ILE C 20 28.14 -13.25 -23.66
C ILE C 20 26.75 -12.65 -23.46
N LEU C 21 26.72 -11.43 -22.95
CA LEU C 21 25.46 -10.77 -22.73
C LEU C 21 24.74 -10.50 -24.02
N TRP C 22 25.48 -10.06 -25.05
CA TRP C 22 24.92 -9.75 -26.38
C TRP C 22 24.32 -11.05 -26.94
N GLN C 23 25.08 -12.13 -26.85
CA GLN C 23 24.72 -13.42 -27.40
C GLN C 23 23.54 -14.13 -26.69
N MET C 24 23.40 -13.92 -25.38
CA MET C 24 22.23 -14.39 -24.65
C MET C 24 20.92 -13.59 -24.84
N PHE C 25 21.02 -12.26 -24.88
CA PHE C 25 19.83 -11.35 -24.81
C PHE C 25 19.36 -10.91 -26.18
N GLY C 26 20.32 -10.67 -27.10
CA GLY C 26 20.04 -10.32 -28.50
C GLY C 26 18.96 -11.16 -29.18
N PRO C 27 18.98 -12.49 -29.00
CA PRO C 27 17.91 -13.25 -29.65
C PRO C 27 16.46 -12.92 -29.16
N PHE C 28 16.30 -12.23 -28.00
CA PHE C 28 14.98 -11.90 -27.48
C PHE C 28 14.38 -10.60 -28.03
N GLY C 29 15.23 -9.77 -28.60
CA GLY C 29 14.82 -8.46 -29.12
C GLY C 29 15.92 -7.41 -29.08
N ALA C 30 15.55 -6.18 -29.34
CA ALA C 30 16.53 -5.09 -29.38
C ALA C 30 17.23 -4.90 -28.05
N VAL C 31 18.57 -4.97 -28.07
CA VAL C 31 19.42 -4.62 -26.95
C VAL C 31 20.21 -3.36 -27.38
N THR C 32 20.22 -2.38 -26.49
CA THR C 32 20.87 -1.12 -26.73
C THR C 32 22.18 -0.96 -25.98
N ASN C 33 22.36 -1.71 -24.90
CA ASN C 33 23.59 -1.58 -24.12
C ASN C 33 23.81 -2.82 -23.30
N VAL C 34 25.07 -3.17 -23.05
CA VAL C 34 25.42 -4.21 -22.08
C VAL C 34 26.68 -3.78 -21.36
N LYS C 35 26.82 -4.27 -20.13
CA LYS C 35 27.97 -3.98 -19.24
C LYS C 35 28.18 -5.12 -18.25
N VAL C 36 29.44 -5.39 -17.95
CA VAL C 36 29.86 -6.37 -17.01
C VAL C 36 30.78 -5.65 -15.98
N ILE C 37 30.76 -6.07 -14.72
CA ILE C 37 31.65 -5.51 -13.71
C ILE C 37 32.85 -6.43 -13.55
N ARG C 38 34.03 -5.82 -13.60
CA ARG C 38 35.26 -6.60 -13.45
C ARG C 38 36.02 -6.21 -12.22
N ASP C 39 36.79 -7.17 -11.67
CA ASP C 39 37.47 -6.97 -10.42
C ASP C 39 38.62 -6.02 -10.71
N PHE C 40 38.67 -4.96 -9.90
CA PHE C 40 39.68 -3.91 -10.02
C PHE C 40 41.10 -4.41 -10.12
N ASN C 41 41.36 -5.52 -9.43
CA ASN C 41 42.68 -6.10 -9.22
C ASN C 41 43.02 -7.30 -10.10
N THR C 42 42.07 -8.22 -10.34
CA THR C 42 42.33 -9.38 -11.22
C THR C 42 41.86 -9.19 -12.64
N ASN C 43 41.01 -8.23 -12.85
CA ASN C 43 40.29 -8.09 -14.11
C ASN C 43 39.34 -9.23 -14.52
N LYS C 44 39.00 -10.11 -13.61
CA LYS C 44 38.03 -11.17 -13.96
C LYS C 44 36.61 -10.60 -13.77
N CYS C 45 35.59 -11.23 -14.35
CA CYS C 45 34.22 -10.78 -14.10
C CYS C 45 33.84 -11.00 -12.62
N LYS C 46 33.24 -9.98 -11.97
CA LYS C 46 32.81 -10.13 -10.54
C LYS C 46 31.47 -10.84 -10.42
N GLY C 47 30.79 -11.05 -11.52
CA GLY C 47 29.61 -11.90 -11.50
C GLY C 47 28.38 -11.13 -11.93
N PHE C 48 28.54 -9.82 -12.00
CA PHE C 48 27.43 -8.87 -12.24
C PHE C 48 27.40 -8.38 -13.67
N GLY C 49 26.22 -8.50 -14.29
CA GLY C 49 25.99 -7.92 -15.61
C GLY C 49 24.71 -7.09 -15.68
N PHE C 50 24.63 -6.31 -16.73
CA PHE C 50 23.56 -5.34 -16.93
C PHE C 50 23.25 -5.24 -18.42
N VAL C 51 21.98 -5.34 -18.79
CA VAL C 51 21.57 -5.29 -20.19
C VAL C 51 20.35 -4.29 -20.23
N THR C 52 20.30 -3.45 -21.23
CA THR C 52 19.11 -2.58 -21.49
C THR C 52 18.46 -3.05 -22.77
N MET C 53 17.22 -3.51 -22.68
CA MET C 53 16.39 -3.81 -23.82
C MET C 53 15.30 -2.77 -23.99
N THR C 54 14.94 -2.52 -25.24
CA THR C 54 14.08 -1.37 -25.50
C THR C 54 12.59 -1.68 -25.25
N ASN C 55 12.17 -2.91 -25.58
CA ASN C 55 10.76 -3.28 -25.55
CA ASN C 55 10.75 -3.35 -25.55
C ASN C 55 10.41 -4.11 -24.27
N TYR C 56 9.43 -3.63 -23.53
CA TYR C 56 9.05 -4.22 -22.22
C TYR C 56 8.75 -5.72 -22.29
N GLU C 57 7.97 -6.12 -23.29
CA GLU C 57 7.55 -7.51 -23.39
C GLU C 57 8.73 -8.44 -23.75
N GLU C 58 9.63 -7.93 -24.56
CA GLU C 58 10.87 -8.67 -24.90
C GLU C 58 11.81 -8.81 -23.71
N ALA C 59 11.92 -7.76 -22.91
CA ALA C 59 12.69 -7.80 -21.71
C ALA C 59 12.14 -8.88 -20.76
N ALA C 60 10.81 -8.94 -20.65
CA ALA C 60 10.14 -9.92 -19.79
C ALA C 60 10.37 -11.32 -20.28
N MET C 61 10.26 -11.52 -21.60
CA MET C 61 10.55 -12.81 -22.27
CA MET C 61 10.53 -12.86 -22.19
C MET C 61 11.99 -13.30 -21.91
N ALA C 62 12.99 -12.42 -22.14
CA ALA C 62 14.37 -12.75 -21.76
C ALA C 62 14.57 -13.18 -20.30
N ILE C 63 14.02 -12.39 -19.40
CA ILE C 63 14.09 -12.63 -17.95
C ILE C 63 13.46 -13.98 -17.54
N ALA C 64 12.24 -14.24 -18.03
CA ALA C 64 11.56 -15.49 -17.70
C ALA C 64 12.30 -16.73 -18.27
N SER C 65 13.03 -16.51 -19.37
CA SER C 65 13.74 -17.56 -20.11
C SER C 65 15.14 -17.80 -19.58
N LEU C 66 15.86 -16.74 -19.25
CA LEU C 66 17.25 -16.88 -18.82
C LEU C 66 17.46 -17.01 -17.33
N ASN C 67 16.48 -16.63 -16.49
CA ASN C 67 16.64 -16.75 -15.05
C ASN C 67 16.70 -18.24 -14.76
N GLY C 68 17.74 -18.66 -14.00
CA GLY C 68 18.00 -20.06 -13.77
C GLY C 68 18.68 -20.80 -14.90
N TYR C 69 19.13 -20.07 -15.92
CA TYR C 69 19.92 -20.64 -17.02
C TYR C 69 21.29 -21.09 -16.56
N ARG C 70 21.75 -22.24 -17.03
CA ARG C 70 23.09 -22.71 -16.75
C ARG C 70 24.03 -22.14 -17.82
N LEU C 71 24.95 -21.27 -17.42
CA LEU C 71 26.00 -20.81 -18.32
C LEU C 71 27.23 -21.45 -17.77
N GLY C 72 27.62 -22.55 -18.44
CA GLY C 72 28.79 -23.28 -18.03
C GLY C 72 28.55 -23.99 -16.72
N ASP C 73 29.36 -23.68 -15.73
CA ASP C 73 29.23 -24.28 -14.41
C ASP C 73 28.24 -23.56 -13.46
N LYS C 74 27.70 -22.39 -13.87
CA LYS C 74 26.91 -21.50 -12.98
C LYS C 74 25.45 -21.29 -13.41
N ILE C 75 24.58 -21.18 -12.41
CA ILE C 75 23.17 -20.95 -12.59
C ILE C 75 22.99 -19.44 -12.44
N LEU C 76 22.53 -18.80 -13.50
CA LEU C 76 22.33 -17.35 -13.50
C LEU C 76 21.03 -16.94 -12.80
N GLN C 77 21.05 -15.74 -12.24
CA GLN C 77 19.87 -15.07 -11.72
CA GLN C 77 19.82 -15.13 -11.78
C GLN C 77 19.67 -13.85 -12.57
N VAL C 78 18.51 -13.69 -13.17
CA VAL C 78 18.21 -12.58 -14.09
C VAL C 78 16.88 -11.96 -13.59
N SER C 79 16.79 -10.63 -13.52
CA SER C 79 15.58 -9.95 -13.01
C SER C 79 15.54 -8.53 -13.51
N PHE C 80 14.33 -7.94 -13.51
CA PHE C 80 14.16 -6.51 -13.76
C PHE C 80 14.77 -5.79 -12.62
N LYS C 81 15.28 -4.59 -12.93
CA LYS C 81 15.72 -3.64 -11.89
C LYS C 81 14.93 -3.73 -10.58
#